data_6VLV
#
_entry.id   6VLV
#
_cell.length_a   59.230
_cell.length_b   59.880
_cell.length_c   67.900
_cell.angle_alpha   90.000
_cell.angle_beta   90.000
_cell.angle_gamma   90.000
#
_symmetry.space_group_name_H-M   'P 21 21 21'
#
loop_
_entity.id
_entity.type
_entity.pdbx_description
1 polymer 'Coagulation factor XIa light chain'
2 non-polymer 'CITRATE ANION'
3 non-polymer 1-carbamimidamido-4-chloro-N-[(2R)-3-methyl-1-(morpholin-4-yl)-1-oxobutan-2-yl]isoquinoline-7-sulfonamide
4 water water
#
_entity_poly.entity_id   1
_entity_poly.type   'polypeptide(L)'
_entity_poly.pdbx_seq_one_letter_code
;IVGGTASVRGEWPWQVTLHTTSPTQRHLCGGSIIGNQWILTAAHCFYGVESPKILRVYSGILNQSEIKEDTSFFGVQEII
IHDQYKMAESGYDIALLKLETTVNYTDSQRPISLPSKGDRNVIYTDCWVTGWGYRKLRDKIQNTLQKAKIPLVTNEECQK
RYRGHKITHKMICAGYREGGKDACKGDSGGPLSCKHNEVWHLVGITSWGEGCAQRERPGVYTNVVEYVDWILEKTQAV
;
_entity_poly.pdbx_strand_id   A
#
loop_
_chem_comp.id
_chem_comp.type
_chem_comp.name
_chem_comp.formula
FLC non-polymer 'CITRATE ANION' 'C6 H5 O7 -3'
R3A non-polymer 1-carbamimidamido-4-chloro-N-[(2R)-3-methyl-1-(morpholin-4-yl)-1-oxobutan-2-yl]isoquinoline-7-sulfonamide 'C19 H25 Cl N6 O4 S'
#
# COMPACT_ATOMS: atom_id res chain seq x y z
N ILE A 1 -0.73 10.67 3.44
CA ILE A 1 -2.20 10.73 3.62
C ILE A 1 -2.64 12.19 3.83
N VAL A 2 -3.58 12.64 2.99
CA VAL A 2 -4.17 13.98 3.10
C VAL A 2 -5.44 13.87 3.91
N GLY A 3 -5.64 14.81 4.83
CA GLY A 3 -6.86 14.87 5.65
C GLY A 3 -7.02 13.71 6.60
N GLY A 4 -5.91 13.07 6.94
CA GLY A 4 -5.93 11.91 7.83
C GLY A 4 -5.75 12.26 9.28
N THR A 5 -5.83 11.24 10.13
CA THR A 5 -5.61 11.41 11.56
C THR A 5 -4.56 10.41 12.04
N ALA A 6 -3.96 10.65 13.23
CA ALA A 6 -2.93 9.78 13.78
C ALA A 6 -3.51 8.40 14.12
N SER A 7 -2.75 7.35 13.79
CA SER A 7 -3.12 5.99 14.14
C SER A 7 -2.54 5.74 15.56
N VAL A 8 -2.90 4.61 16.19
CA VAL A 8 -2.32 4.24 17.50
C VAL A 8 -1.57 2.92 17.36
N ARG A 9 -0.82 2.53 18.41
CA ARG A 9 -0.01 1.30 18.42
C ARG A 9 -0.90 0.06 18.25
N GLY A 10 -0.54 -0.80 17.29
CA GLY A 10 -1.29 -2.02 17.00
C GLY A 10 -2.55 -1.83 16.17
N GLU A 11 -2.85 -0.61 15.74
CA GLU A 11 -4.07 -0.33 14.97
C GLU A 11 -4.06 -0.96 13.55
N TRP A 12 -2.91 -0.89 12.87
CA TRP A 12 -2.78 -1.47 11.50
C TRP A 12 -1.54 -2.39 11.51
N PRO A 13 -1.63 -3.57 12.17
CA PRO A 13 -0.43 -4.41 12.38
C PRO A 13 0.15 -5.05 11.15
N TRP A 14 -0.59 -5.00 10.03
CA TRP A 14 -0.05 -5.50 8.75
C TRP A 14 0.78 -4.43 8.03
N GLN A 15 0.65 -3.13 8.42
CA GLN A 15 1.36 -2.03 7.76
C GLN A 15 2.86 -2.08 8.07
N VAL A 16 3.69 -1.99 7.02
CA VAL A 16 5.14 -1.92 7.20
C VAL A 16 5.66 -0.65 6.56
N THR A 17 6.85 -0.21 6.96
CA THR A 17 7.57 0.89 6.31
C THR A 17 8.81 0.26 5.67
N LEU A 18 8.93 0.40 4.37
CA LEU A 18 10.09 -0.11 3.65
C LEU A 18 11.04 1.07 3.54
N HIS A 19 12.25 0.88 4.05
CA HIS A 19 13.29 1.90 3.96
C HIS A 19 14.34 1.52 2.95
N THR A 20 14.92 2.56 2.33
CA THR A 20 16.09 2.40 1.53
C THR A 20 17.21 2.87 2.43
N THR A 21 18.45 2.45 2.14
CA THR A 21 19.55 2.88 2.99
C THR A 21 20.65 3.55 2.18
N SER A 22 20.38 3.87 0.92
CA SER A 22 21.38 4.49 0.05
C SER A 22 20.77 5.51 -0.90
N PRO A 23 21.36 6.72 -1.03
CA PRO A 23 22.55 7.24 -0.33
C PRO A 23 22.29 7.64 1.13
N THR A 24 21.02 7.71 1.52
CA THR A 24 20.63 8.04 2.89
C THR A 24 19.57 7.02 3.38
N GLN A 25 19.36 6.88 4.70
CA GLN A 25 18.28 6.00 5.18
C GLN A 25 16.99 6.82 5.27
N ARG A 26 15.91 6.33 4.64
CA ARG A 26 14.63 7.04 4.65
C ARG A 26 13.51 6.08 4.27
N HIS A 27 12.30 6.45 4.62
CA HIS A 27 11.10 5.70 4.24
C HIS A 27 10.92 5.79 2.72
N LEU A 28 10.86 4.64 2.06
CA LEU A 28 10.69 4.57 0.63
C LEU A 28 9.22 4.35 0.25
N CYS A 29 8.55 3.38 0.90
N CYS A 29 8.50 3.49 0.97
CA CYS A 29 7.18 2.95 0.58
CA CYS A 29 7.11 3.17 0.66
C CYS A 29 6.52 2.26 1.76
C CYS A 29 6.50 2.33 1.77
N GLY A 30 5.20 2.12 1.68
CA GLY A 30 4.46 1.31 2.62
C GLY A 30 4.40 -0.08 1.98
N GLY A 31 3.80 -1.00 2.71
CA GLY A 31 3.59 -2.38 2.27
C GLY A 31 2.73 -3.08 3.30
N SER A 32 2.30 -4.30 2.96
CA SER A 32 1.45 -5.08 3.85
C SER A 32 2.00 -6.48 4.09
N ILE A 33 1.99 -6.91 5.36
CA ILE A 33 2.34 -8.29 5.67
C ILE A 33 1.16 -9.18 5.15
N ILE A 34 1.46 -10.15 4.28
CA ILE A 34 0.45 -11.12 3.80
C ILE A 34 0.81 -12.59 4.16
N GLY A 35 1.99 -12.78 4.74
CA GLY A 35 2.45 -14.11 5.13
C GLY A 35 3.69 -13.96 5.98
N ASN A 36 4.17 -15.08 6.50
CA ASN A 36 5.30 -15.06 7.45
C ASN A 36 6.60 -14.55 6.87
N GLN A 37 6.75 -14.57 5.54
CA GLN A 37 8.00 -14.08 4.95
C GLN A 37 7.65 -13.20 3.73
N TRP A 38 6.41 -12.68 3.68
CA TRP A 38 5.92 -11.99 2.48
C TRP A 38 5.30 -10.64 2.72
N ILE A 39 5.75 -9.62 1.96
CA ILE A 39 5.20 -8.26 2.01
C ILE A 39 4.64 -8.00 0.61
N LEU A 40 3.41 -7.47 0.55
CA LEU A 40 2.84 -7.10 -0.74
C LEU A 40 2.95 -5.58 -0.83
N THR A 41 3.50 -5.08 -1.95
CA THR A 41 3.70 -3.63 -2.09
C THR A 41 3.51 -3.24 -3.56
N ALA A 42 3.90 -2.01 -3.93
CA ALA A 42 3.78 -1.56 -5.32
C ALA A 42 5.10 -1.73 -6.06
N ALA A 43 5.01 -2.10 -7.35
CA ALA A 43 6.20 -2.22 -8.20
C ALA A 43 6.92 -0.88 -8.39
N HIS A 44 6.17 0.24 -8.44
CA HIS A 44 6.78 1.56 -8.69
C HIS A 44 7.75 2.00 -7.63
N CYS A 45 7.70 1.37 -6.43
CA CYS A 45 8.63 1.66 -5.33
C CYS A 45 10.08 1.40 -5.67
N PHE A 46 10.31 0.48 -6.60
CA PHE A 46 11.64 -0.02 -6.92
C PHE A 46 12.40 0.68 -8.04
N TYR A 47 11.83 1.77 -8.55
CA TYR A 47 12.43 2.58 -9.60
C TYR A 47 13.84 2.99 -9.16
N GLY A 48 14.83 2.66 -9.97
CA GLY A 48 16.21 3.03 -9.63
C GLY A 48 16.85 2.30 -8.46
N VAL A 49 16.11 1.32 -7.79
CA VAL A 49 16.66 0.52 -6.66
C VAL A 49 17.62 -0.53 -7.28
N GLU A 50 18.94 -0.44 -6.95
CA GLU A 50 20.05 -1.25 -7.49
C GLU A 50 19.83 -2.74 -7.24
N SER A 51 19.42 -3.07 -6.02
CA SER A 51 19.20 -4.45 -5.61
C SER A 51 18.48 -4.48 -4.27
N PRO A 52 18.05 -5.68 -3.83
CA PRO A 52 17.41 -5.76 -2.51
C PRO A 52 18.38 -5.50 -1.35
N LYS A 53 19.74 -5.45 -1.61
CA LYS A 53 20.73 -5.24 -0.53
C LYS A 53 20.50 -3.96 0.26
N ILE A 54 19.98 -2.90 -0.40
CA ILE A 54 19.81 -1.59 0.26
C ILE A 54 18.45 -1.42 0.95
N LEU A 55 17.62 -2.46 0.94
CA LEU A 55 16.29 -2.39 1.54
C LEU A 55 16.23 -2.94 2.96
N ARG A 56 15.33 -2.34 3.75
CA ARG A 56 15.01 -2.78 5.09
C ARG A 56 13.51 -2.69 5.28
N VAL A 57 12.90 -3.75 5.85
CA VAL A 57 11.46 -3.74 6.14
C VAL A 57 11.32 -3.63 7.68
N TYR A 58 10.68 -2.56 8.15
CA TYR A 58 10.40 -2.35 9.56
C TYR A 58 8.90 -2.62 9.79
N SER A 59 8.59 -3.52 10.73
CA SER A 59 7.21 -3.87 11.09
C SER A 59 6.98 -3.42 12.54
N GLY A 60 5.72 -3.28 12.91
CA GLY A 60 5.33 -2.87 14.27
C GLY A 60 5.77 -1.47 14.62
N ILE A 61 5.90 -0.61 13.58
CA ILE A 61 6.29 0.80 13.71
C ILE A 61 5.04 1.71 13.71
N LEU A 62 5.01 2.67 14.65
CA LEU A 62 3.95 3.69 14.65
C LEU A 62 4.56 4.99 14.15
N ASN A 63 5.62 5.45 14.83
CA ASN A 63 6.36 6.65 14.51
C ASN A 63 7.66 6.29 13.84
N GLN A 64 7.99 7.03 12.78
CA GLN A 64 9.26 6.86 12.06
C GLN A 64 10.45 7.17 12.99
N SER A 65 10.23 8.02 14.02
CA SER A 65 11.25 8.42 15.02
C SER A 65 11.68 7.27 15.93
N GLU A 66 10.87 6.18 16.02
CA GLU A 66 11.15 4.97 16.80
C GLU A 66 12.33 4.23 16.19
N ILE A 67 12.61 4.47 14.89
CA ILE A 67 13.65 3.76 14.16
C ILE A 67 14.99 4.36 14.49
N LYS A 68 15.80 3.57 15.19
CA LYS A 68 17.14 3.96 15.61
C LYS A 68 18.11 2.89 15.16
N GLU A 69 19.40 3.09 15.46
CA GLU A 69 20.47 2.20 15.05
C GLU A 69 20.36 0.78 15.58
N ASP A 70 19.60 0.59 16.67
CA ASP A 70 19.39 -0.73 17.25
C ASP A 70 17.95 -1.26 17.02
N THR A 71 17.19 -0.63 16.11
CA THR A 71 15.82 -1.09 15.84
C THR A 71 15.90 -2.32 14.91
N SER A 72 15.23 -3.42 15.30
CA SER A 72 15.22 -4.63 14.50
C SER A 72 14.49 -4.37 13.18
N PHE A 73 14.92 -5.06 12.12
CA PHE A 73 14.23 -4.95 10.83
C PHE A 73 14.47 -6.27 10.10
N PHE A 74 13.73 -6.50 8.99
CA PHE A 74 13.93 -7.67 8.17
C PHE A 74 14.72 -7.30 6.92
N GLY A 75 15.69 -8.13 6.57
CA GLY A 75 16.35 -7.99 5.29
C GLY A 75 15.41 -8.48 4.20
N VAL A 76 15.68 -8.07 2.96
CA VAL A 76 14.88 -8.48 1.80
C VAL A 76 15.68 -9.50 1.00
N GLN A 77 15.15 -10.68 0.87
CA GLN A 77 15.78 -11.76 0.12
C GLN A 77 15.60 -11.57 -1.40
N GLU A 78 14.40 -11.23 -1.83
CA GLU A 78 14.07 -11.11 -3.23
C GLU A 78 12.98 -10.06 -3.41
N ILE A 79 12.99 -9.37 -4.58
CA ILE A 79 11.93 -8.43 -4.97
C ILE A 79 11.32 -9.10 -6.21
N ILE A 80 10.01 -9.37 -6.19
CA ILE A 80 9.34 -10.00 -7.31
C ILE A 80 8.39 -8.98 -7.90
N ILE A 81 8.73 -8.41 -9.06
CA ILE A 81 7.86 -7.44 -9.71
C ILE A 81 7.04 -8.15 -10.77
N HIS A 82 5.74 -7.82 -10.90
CA HIS A 82 4.90 -8.40 -11.96
C HIS A 82 5.57 -8.20 -13.34
N ASP A 83 5.67 -9.29 -14.14
CA ASP A 83 6.37 -9.20 -15.43
C ASP A 83 5.79 -8.24 -16.49
N GLN A 84 4.55 -7.80 -16.30
CA GLN A 84 3.94 -6.87 -17.24
C GLN A 84 4.03 -5.41 -16.78
N TYR A 85 4.61 -5.19 -15.57
CA TYR A 85 4.74 -3.84 -15.04
C TYR A 85 5.64 -2.96 -15.95
N LYS A 86 5.16 -1.77 -16.29
CA LYS A 86 5.88 -0.74 -17.06
C LYS A 86 5.94 0.54 -16.23
N MET A 87 4.77 1.07 -15.85
CA MET A 87 4.64 2.29 -15.02
C MET A 87 3.36 2.24 -14.25
N ALA A 88 3.34 2.87 -13.08
CA ALA A 88 2.17 2.80 -12.19
C ALA A 88 0.87 3.08 -12.91
N GLU A 89 0.83 4.17 -13.68
CA GLU A 89 -0.39 4.59 -14.42
C GLU A 89 -0.92 3.58 -15.44
N SER A 90 -0.06 2.67 -15.91
N SER A 90 -0.05 2.69 -15.93
CA SER A 90 -0.43 1.63 -16.88
CA SER A 90 -0.40 1.65 -16.89
C SER A 90 -0.85 0.31 -16.25
C SER A 90 -0.81 0.32 -16.25
N GLY A 91 -0.75 0.22 -14.93
CA GLY A 91 -1.15 -0.98 -14.19
C GLY A 91 -0.06 -1.97 -13.93
N TYR A 92 -0.48 -3.13 -13.39
CA TYR A 92 0.40 -4.21 -12.93
C TYR A 92 1.32 -3.65 -11.83
N ASP A 93 0.86 -2.60 -11.11
CA ASP A 93 1.71 -2.00 -10.09
C ASP A 93 1.68 -2.83 -8.82
N ILE A 94 2.38 -3.96 -8.84
CA ILE A 94 2.39 -4.92 -7.77
C ILE A 94 3.75 -5.61 -7.64
N ALA A 95 4.16 -5.82 -6.39
CA ALA A 95 5.43 -6.50 -6.17
C ALA A 95 5.32 -7.23 -4.83
N LEU A 96 6.09 -8.29 -4.72
CA LEU A 96 6.23 -9.03 -3.47
C LEU A 96 7.66 -8.91 -2.97
N LEU A 97 7.82 -8.77 -1.67
CA LEU A 97 9.15 -8.83 -1.06
C LEU A 97 9.19 -10.13 -0.26
N LYS A 98 10.16 -11.02 -0.56
CA LYS A 98 10.40 -12.21 0.24
C LYS A 98 11.40 -11.79 1.31
N LEU A 99 11.05 -11.97 2.58
CA LEU A 99 11.94 -11.58 3.68
C LEU A 99 13.03 -12.61 3.95
N GLU A 100 14.15 -12.19 4.56
CA GLU A 100 15.27 -13.10 4.84
C GLU A 100 14.96 -14.06 6.00
N THR A 101 13.93 -13.74 6.80
CA THR A 101 13.50 -14.57 7.92
C THR A 101 11.99 -14.44 8.12
N THR A 102 11.42 -15.29 8.98
CA THR A 102 9.98 -15.26 9.18
C THR A 102 9.57 -14.24 10.24
N VAL A 103 8.41 -13.64 10.03
CA VAL A 103 7.81 -12.68 10.94
C VAL A 103 7.10 -13.49 12.06
N ASN A 104 7.42 -13.23 13.33
CA ASN A 104 6.73 -13.86 14.46
C ASN A 104 5.54 -12.93 14.75
N TYR A 105 4.30 -13.41 14.63
CA TYR A 105 3.16 -12.52 14.79
C TYR A 105 2.90 -12.11 16.20
N THR A 106 2.63 -10.82 16.39
CA THR A 106 2.37 -10.23 17.72
C THR A 106 1.23 -9.23 17.52
N ASP A 107 0.77 -8.56 18.61
CA ASP A 107 -0.26 -7.52 18.52
C ASP A 107 0.17 -6.37 17.60
N SER A 108 1.50 -6.15 17.44
CA SER A 108 2.06 -5.08 16.61
C SER A 108 2.38 -5.50 15.16
N GLN A 109 2.45 -6.81 14.86
CA GLN A 109 2.78 -7.28 13.49
C GLN A 109 1.97 -8.52 13.17
N ARG A 110 1.05 -8.41 12.21
CA ARG A 110 0.14 -9.52 11.92
C ARG A 110 -0.17 -9.47 10.42
N PRO A 111 -0.53 -10.59 9.77
CA PRO A 111 -0.85 -10.53 8.34
C PRO A 111 -2.28 -10.07 8.13
N ILE A 112 -2.57 -9.59 6.93
CA ILE A 112 -3.92 -9.23 6.49
C ILE A 112 -4.29 -10.24 5.39
N SER A 113 -5.54 -10.71 5.44
N SER A 113 -5.56 -10.70 5.42
CA SER A 113 -6.09 -11.63 4.45
CA SER A 113 -6.10 -11.63 4.44
C SER A 113 -6.26 -10.93 3.09
C SER A 113 -6.29 -10.93 3.08
N LEU A 114 -6.19 -11.70 2.01
CA LEU A 114 -6.45 -11.19 0.66
C LEU A 114 -7.99 -11.23 0.50
N PRO A 115 -8.59 -10.57 -0.51
CA PRO A 115 -10.05 -10.70 -0.70
C PRO A 115 -10.34 -12.18 -0.98
N SER A 116 -11.37 -12.70 -0.31
CA SER A 116 -11.68 -14.12 -0.28
C SER A 116 -12.30 -14.67 -1.54
N LYS A 117 -12.05 -15.96 -1.77
CA LYS A 117 -12.65 -16.69 -2.88
C LYS A 117 -14.15 -16.75 -2.52
N GLY A 118 -14.99 -16.19 -3.38
CA GLY A 118 -16.43 -16.11 -3.16
C GLY A 118 -16.94 -14.72 -2.82
N ASP A 119 -16.03 -13.74 -2.65
CA ASP A 119 -16.37 -12.37 -2.29
C ASP A 119 -16.22 -11.34 -3.44
N ARG A 120 -16.12 -11.82 -4.69
CA ARG A 120 -15.94 -10.98 -5.87
C ARG A 120 -16.99 -9.87 -6.04
N ASN A 121 -18.24 -10.11 -5.57
CA ASN A 121 -19.35 -9.17 -5.64
C ASN A 121 -19.69 -8.45 -4.32
N VAL A 122 -18.77 -8.48 -3.34
CA VAL A 122 -18.97 -7.76 -2.07
C VAL A 122 -18.83 -6.25 -2.34
N ILE A 123 -19.71 -5.45 -1.72
CA ILE A 123 -19.65 -3.99 -1.85
C ILE A 123 -18.99 -3.52 -0.55
N TYR A 124 -17.70 -3.09 -0.65
CA TYR A 124 -16.98 -2.67 0.54
C TYR A 124 -17.34 -1.23 0.90
N THR A 125 -17.80 -0.98 2.14
CA THR A 125 -18.18 0.35 2.63
C THR A 125 -17.35 0.85 3.83
N ASP A 126 -16.31 0.09 4.25
CA ASP A 126 -15.49 0.52 5.38
C ASP A 126 -14.03 0.36 5.02
N CYS A 127 -13.54 1.22 4.12
CA CYS A 127 -12.20 1.17 3.53
C CYS A 127 -11.34 2.28 4.03
N TRP A 128 -10.11 1.92 4.40
CA TRP A 128 -9.14 2.82 4.96
C TRP A 128 -7.82 2.78 4.29
N VAL A 129 -7.23 3.95 4.05
N VAL A 129 -7.23 3.97 4.09
CA VAL A 129 -5.89 4.08 3.46
CA VAL A 129 -5.90 4.17 3.53
C VAL A 129 -4.98 4.63 4.56
C VAL A 129 -5.00 4.61 4.65
N THR A 130 -3.81 4.02 4.70
CA THR A 130 -2.85 4.33 5.76
C THR A 130 -1.45 4.54 5.22
N GLY A 131 -0.69 5.42 5.87
CA GLY A 131 0.68 5.62 5.44
C GLY A 131 1.39 6.76 6.13
N TRP A 132 2.70 6.90 5.84
CA TRP A 132 3.51 7.98 6.40
C TRP A 132 3.74 9.02 5.31
N GLY A 133 2.94 8.96 4.25
CA GLY A 133 3.11 9.86 3.11
C GLY A 133 2.77 11.32 3.36
N TYR A 134 2.97 12.14 2.31
CA TYR A 134 2.74 13.60 2.31
C TYR A 134 1.28 13.93 2.62
N ARG A 135 1.05 15.11 3.21
CA ARG A 135 -0.29 15.62 3.50
C ARG A 135 -0.75 16.56 2.37
N LYS A 136 0.13 16.80 1.36
CA LYS A 136 -0.09 17.62 0.16
C LYS A 136 1.06 17.37 -0.80
N LEU A 137 0.94 17.79 -2.07
CA LEU A 137 1.93 17.56 -3.12
C LEU A 137 3.36 17.91 -2.71
N ARG A 138 3.54 19.07 -2.07
CA ARG A 138 4.86 19.50 -1.62
C ARG A 138 4.83 19.50 -0.10
N ASP A 139 5.36 18.42 0.46
CA ASP A 139 5.41 18.17 1.90
C ASP A 139 6.61 17.27 2.19
N LYS A 140 6.52 16.50 3.27
CA LYS A 140 7.56 15.59 3.72
C LYS A 140 6.87 14.33 4.27
N ILE A 141 7.65 13.26 4.51
CA ILE A 141 7.16 12.04 5.14
C ILE A 141 6.77 12.39 6.57
N GLN A 142 5.61 11.89 7.01
CA GLN A 142 5.10 12.14 8.34
C GLN A 142 5.69 11.20 9.36
N ASN A 143 5.75 11.65 10.62
CA ASN A 143 6.28 10.83 11.68
C ASN A 143 5.32 9.72 12.09
N THR A 144 4.07 10.08 12.41
CA THR A 144 3.06 9.16 12.88
C THR A 144 2.25 8.62 11.72
N LEU A 145 2.06 7.29 11.71
CA LEU A 145 1.26 6.61 10.68
C LEU A 145 -0.13 7.25 10.68
N GLN A 146 -0.56 7.69 9.50
CA GLN A 146 -1.85 8.36 9.31
C GLN A 146 -2.87 7.41 8.72
N LYS A 147 -4.16 7.69 8.99
CA LYS A 147 -5.26 6.88 8.50
C LYS A 147 -6.34 7.80 7.98
N ALA A 148 -7.07 7.34 6.96
CA ALA A 148 -8.22 8.09 6.41
C ALA A 148 -9.20 7.13 5.84
N LYS A 149 -10.49 7.30 6.16
CA LYS A 149 -11.53 6.46 5.58
C LYS A 149 -11.90 7.06 4.22
N ILE A 150 -11.90 6.24 3.15
CA ILE A 150 -12.19 6.69 1.79
C ILE A 150 -13.25 5.81 1.14
N PRO A 151 -14.28 6.39 0.47
CA PRO A 151 -15.26 5.52 -0.19
C PRO A 151 -14.74 5.04 -1.54
N LEU A 152 -15.06 3.80 -1.91
CA LEU A 152 -14.69 3.28 -3.23
C LEU A 152 -15.60 3.96 -4.25
N VAL A 153 -15.07 4.13 -5.46
CA VAL A 153 -15.83 4.67 -6.59
C VAL A 153 -15.85 3.58 -7.65
N THR A 154 -16.84 3.56 -8.53
CA THR A 154 -16.88 2.54 -9.57
C THR A 154 -15.77 2.79 -10.61
N ASN A 155 -15.39 1.72 -11.35
CA ASN A 155 -14.38 1.82 -12.39
C ASN A 155 -14.84 2.76 -13.51
N GLU A 156 -16.18 2.74 -13.78
CA GLU A 156 -16.85 3.59 -14.76
C GLU A 156 -16.70 5.08 -14.39
N GLU A 157 -16.91 5.45 -13.11
CA GLU A 157 -16.74 6.83 -12.62
C GLU A 157 -15.27 7.20 -12.71
N CYS A 158 -14.39 6.28 -12.25
CA CYS A 158 -12.95 6.51 -12.24
C CYS A 158 -12.41 6.83 -13.63
N GLN A 159 -12.82 6.02 -14.65
CA GLN A 159 -12.43 6.20 -16.06
C GLN A 159 -12.84 7.60 -16.58
N LYS A 160 -14.05 8.08 -16.19
CA LYS A 160 -14.53 9.40 -16.57
C LYS A 160 -13.65 10.54 -16.02
N ARG A 161 -13.02 10.33 -14.85
CA ARG A 161 -12.12 11.30 -14.23
C ARG A 161 -10.70 11.24 -14.79
N TYR A 162 -10.33 10.13 -15.45
CA TYR A 162 -8.98 9.89 -15.98
C TYR A 162 -9.03 9.46 -17.46
N ARG A 163 -9.61 10.32 -18.30
CA ARG A 163 -9.81 10.02 -19.73
C ARG A 163 -8.49 9.83 -20.52
N GLY A 164 -7.38 10.28 -19.94
CA GLY A 164 -6.06 10.13 -20.54
C GLY A 164 -5.39 8.80 -20.20
N HIS A 165 -6.02 8.00 -19.31
CA HIS A 165 -5.48 6.70 -18.87
C HIS A 165 -6.47 5.57 -19.11
N LYS A 166 -5.96 4.33 -19.17
CA LYS A 166 -6.79 3.14 -19.30
C LYS A 166 -7.05 2.62 -17.88
N ILE A 167 -8.27 2.84 -17.35
CA ILE A 167 -8.63 2.36 -16.00
C ILE A 167 -9.19 0.99 -16.22
N THR A 168 -8.41 -0.03 -15.88
CA THR A 168 -8.81 -1.44 -16.16
C THR A 168 -9.46 -2.09 -14.94
N HIS A 169 -10.00 -3.32 -15.15
CA HIS A 169 -10.61 -4.12 -14.07
C HIS A 169 -9.52 -4.53 -13.07
N LYS A 170 -8.21 -4.38 -13.44
CA LYS A 170 -7.11 -4.66 -12.51
C LYS A 170 -6.77 -3.46 -11.62
N MET A 171 -7.57 -2.38 -11.71
CA MET A 171 -7.43 -1.22 -10.84
C MET A 171 -8.76 -1.00 -10.09
N ILE A 172 -8.68 -0.35 -8.94
CA ILE A 172 -9.82 0.04 -8.12
C ILE A 172 -9.58 1.49 -7.67
N CYS A 173 -10.62 2.32 -7.70
CA CYS A 173 -10.41 3.72 -7.30
C CYS A 173 -11.19 4.07 -6.06
N ALA A 174 -10.76 5.10 -5.36
CA ALA A 174 -11.42 5.53 -4.14
C ALA A 174 -11.18 7.01 -3.90
N GLY A 175 -12.24 7.74 -3.56
CA GLY A 175 -12.09 9.15 -3.31
C GLY A 175 -13.43 9.80 -3.08
N TYR A 176 -13.41 10.97 -2.45
CA TYR A 176 -14.62 11.76 -2.23
C TYR A 176 -14.80 12.69 -3.43
N ARG A 177 -16.05 12.99 -3.80
CA ARG A 177 -16.32 13.91 -4.91
C ARG A 177 -15.60 15.27 -4.71
N GLU A 178 -15.63 15.80 -3.48
CA GLU A 178 -15.01 17.09 -3.15
C GLU A 178 -13.56 17.01 -2.69
N GLY A 179 -12.93 15.84 -2.82
CA GLY A 179 -11.55 15.63 -2.40
C GLY A 179 -11.40 15.72 -0.89
N GLY A 180 -10.28 16.27 -0.42
CA GLY A 180 -10.06 16.43 1.01
C GLY A 180 -9.37 15.31 1.79
N LYS A 181 -9.66 14.03 1.47
CA LYS A 181 -9.01 12.86 2.12
C LYS A 181 -8.53 11.93 1.00
N ASP A 182 -7.26 11.50 1.06
CA ASP A 182 -6.68 10.68 -0.04
C ASP A 182 -5.28 10.24 0.33
N ALA A 183 -4.68 9.38 -0.52
CA ALA A 183 -3.29 8.95 -0.41
C ALA A 183 -2.46 10.00 -1.12
N CYS A 184 -1.15 10.04 -0.86
CA CYS A 184 -0.27 10.97 -1.56
C CYS A 184 1.12 10.35 -1.66
N LYS A 185 2.08 11.10 -2.19
CA LYS A 185 3.45 10.68 -2.32
C LYS A 185 3.95 10.09 -0.99
N GLY A 186 4.60 8.91 -1.04
CA GLY A 186 5.07 8.29 0.20
C GLY A 186 4.12 7.25 0.76
N ASP A 187 2.83 7.30 0.34
CA ASP A 187 1.88 6.25 0.76
C ASP A 187 1.97 5.03 -0.17
N SER A 188 2.67 5.18 -1.31
CA SER A 188 2.89 4.15 -2.34
C SER A 188 3.16 2.78 -1.72
N GLY A 189 2.49 1.78 -2.26
CA GLY A 189 2.67 0.40 -1.84
C GLY A 189 1.93 -0.02 -0.60
N GLY A 190 1.45 0.96 0.17
CA GLY A 190 0.67 0.65 1.36
C GLY A 190 -0.72 0.11 1.05
N PRO A 191 -1.40 -0.35 2.11
CA PRO A 191 -2.73 -0.93 1.91
C PRO A 191 -3.91 0.02 1.81
N LEU A 192 -4.94 -0.44 1.07
CA LEU A 192 -6.32 0.08 1.11
C LEU A 192 -7.03 -1.12 1.77
N SER A 193 -7.29 -1.02 3.09
CA SER A 193 -7.82 -2.13 3.85
C SER A 193 -9.32 -1.93 4.06
N CYS A 194 -10.11 -2.97 3.82
CA CYS A 194 -11.58 -2.91 3.96
C CYS A 194 -12.03 -3.94 4.95
N LYS A 195 -12.94 -3.54 5.87
CA LYS A 195 -13.46 -4.47 6.85
C LYS A 195 -14.83 -4.92 6.42
N HIS A 196 -15.00 -6.24 6.30
CA HIS A 196 -16.25 -6.87 5.90
C HIS A 196 -16.48 -8.02 6.88
N ASN A 197 -17.64 -7.97 7.57
CA ASN A 197 -17.99 -8.98 8.60
C ASN A 197 -16.90 -9.09 9.68
N GLU A 198 -16.40 -7.91 10.12
CA GLU A 198 -15.39 -7.75 11.16
C GLU A 198 -14.01 -8.36 10.80
N VAL A 199 -13.79 -8.66 9.53
CA VAL A 199 -12.51 -9.18 9.08
C VAL A 199 -11.92 -8.18 8.06
N TRP A 200 -10.66 -7.79 8.25
CA TRP A 200 -9.98 -6.89 7.31
C TRP A 200 -9.45 -7.65 6.11
N HIS A 201 -9.58 -7.05 4.91
CA HIS A 201 -9.09 -7.63 3.64
C HIS A 201 -8.29 -6.60 2.91
N LEU A 202 -7.22 -7.06 2.27
CA LEU A 202 -6.34 -6.16 1.55
C LEU A 202 -6.93 -5.98 0.14
N VAL A 203 -7.76 -4.94 -0.01
CA VAL A 203 -8.45 -4.70 -1.28
C VAL A 203 -7.63 -3.97 -2.32
N GLY A 204 -6.81 -3.03 -1.88
CA GLY A 204 -6.04 -2.25 -2.83
C GLY A 204 -4.61 -2.03 -2.37
N ILE A 205 -3.74 -1.66 -3.35
CA ILE A 205 -2.36 -1.26 -3.05
C ILE A 205 -2.25 0.16 -3.57
N THR A 206 -1.82 1.11 -2.72
CA THR A 206 -1.66 2.50 -3.12
C THR A 206 -0.76 2.64 -4.32
N SER A 207 -1.28 3.21 -5.43
CA SER A 207 -0.54 3.29 -6.68
C SER A 207 -0.30 4.70 -7.26
N TRP A 208 -1.37 5.46 -7.62
CA TRP A 208 -1.19 6.80 -8.22
C TRP A 208 -2.49 7.60 -8.16
N GLY A 209 -2.41 8.83 -8.64
CA GLY A 209 -3.55 9.74 -8.70
C GLY A 209 -3.06 11.06 -9.24
N GLU A 210 -3.99 11.86 -9.82
CA GLU A 210 -3.64 13.19 -10.32
C GLU A 210 -3.77 14.16 -9.17
N GLY A 211 -2.61 14.54 -8.63
CA GLY A 211 -2.54 15.39 -7.45
C GLY A 211 -2.94 14.57 -6.25
N CYS A 212 -3.14 15.23 -5.11
CA CYS A 212 -3.54 14.54 -3.89
C CYS A 212 -4.78 15.18 -3.31
N ALA A 213 -5.84 14.36 -3.08
CA ALA A 213 -7.13 14.83 -2.53
C ALA A 213 -7.79 15.97 -3.34
N GLN A 214 -7.53 15.98 -4.65
CA GLN A 214 -8.17 16.96 -5.53
C GLN A 214 -9.60 16.53 -5.80
N ARG A 215 -10.50 17.51 -5.98
CA ARG A 215 -11.91 17.29 -6.28
C ARG A 215 -12.01 16.45 -7.57
N GLU A 216 -12.88 15.42 -7.58
CA GLU A 216 -13.11 14.54 -8.75
C GLU A 216 -11.83 13.88 -9.33
N ARG A 217 -10.79 13.68 -8.50
CA ARG A 217 -9.55 13.02 -8.94
C ARG A 217 -9.24 11.95 -7.88
N PRO A 218 -9.91 10.79 -8.00
CA PRO A 218 -9.79 9.77 -6.93
C PRO A 218 -8.43 9.09 -6.96
N GLY A 219 -8.05 8.50 -5.83
CA GLY A 219 -6.83 7.70 -5.80
C GLY A 219 -7.07 6.43 -6.59
N VAL A 220 -6.03 5.94 -7.28
CA VAL A 220 -6.05 4.71 -8.06
C VAL A 220 -5.15 3.70 -7.36
N TYR A 221 -5.69 2.49 -7.18
CA TYR A 221 -5.05 1.42 -6.46
C TYR A 221 -5.01 0.14 -7.28
N THR A 222 -3.98 -0.68 -7.06
CA THR A 222 -3.94 -2.03 -7.68
C THR A 222 -5.08 -2.85 -7.04
N ASN A 223 -5.93 -3.44 -7.88
CA ASN A 223 -7.09 -4.22 -7.43
C ASN A 223 -6.63 -5.64 -7.03
N VAL A 224 -6.30 -5.81 -5.73
CA VAL A 224 -5.68 -7.04 -5.22
C VAL A 224 -6.38 -8.35 -5.61
N VAL A 225 -7.71 -8.36 -5.58
CA VAL A 225 -8.47 -9.57 -5.91
C VAL A 225 -8.12 -10.10 -7.32
N GLU A 226 -7.78 -9.20 -8.27
CA GLU A 226 -7.43 -9.58 -9.63
C GLU A 226 -6.02 -10.19 -9.75
N TYR A 227 -5.23 -10.14 -8.66
CA TYR A 227 -3.86 -10.68 -8.64
C TYR A 227 -3.74 -11.87 -7.67
N VAL A 228 -4.87 -12.36 -7.10
CA VAL A 228 -4.78 -13.47 -6.14
C VAL A 228 -4.04 -14.67 -6.72
N ASP A 229 -4.35 -15.09 -7.97
CA ASP A 229 -3.66 -16.25 -8.57
C ASP A 229 -2.16 -16.00 -8.70
N TRP A 230 -1.78 -14.77 -9.11
CA TRP A 230 -0.38 -14.37 -9.24
C TRP A 230 0.31 -14.43 -7.88
N ILE A 231 -0.32 -13.85 -6.84
CA ILE A 231 0.26 -13.88 -5.48
C ILE A 231 0.47 -15.33 -4.99
N LEU A 232 -0.58 -16.15 -5.12
CA LEU A 232 -0.50 -17.54 -4.68
C LEU A 232 0.58 -18.33 -5.40
N GLU A 233 0.75 -18.11 -6.71
CA GLU A 233 1.76 -18.78 -7.52
C GLU A 233 3.16 -18.40 -7.01
N LYS A 234 3.38 -17.08 -6.75
CA LYS A 234 4.68 -16.56 -6.34
C LYS A 234 5.05 -16.93 -4.92
N THR A 235 4.06 -17.05 -4.03
CA THR A 235 4.28 -17.36 -2.62
C THR A 235 4.38 -18.87 -2.33
N GLN A 236 3.99 -19.74 -3.29
CA GLN A 236 4.04 -21.20 -3.11
C GLN A 236 5.26 -21.83 -3.76
CAC FLC B . -14.42 0.65 12.07
CA FLC B . -13.04 0.87 11.45
CB FLC B . -11.98 1.33 12.45
CBC FLC B . -11.72 0.25 13.52
CG FLC B . -10.68 1.61 11.69
CGC FLC B . -9.68 2.40 12.51
OA1 FLC B . -15.25 0.04 11.38
OA2 FLC B . -14.63 1.10 13.24
OB1 FLC B . -11.61 -0.94 13.15
OB2 FLC B . -11.76 0.63 14.70
OG1 FLC B . -8.81 1.76 13.14
OG2 FLC B . -9.83 3.64 12.57
OHB FLC B . -12.38 2.55 13.07
CAC FLC C . 9.42 8.13 -0.97
CA FLC C . 8.44 8.64 -1.99
CB FLC C . 7.70 7.54 -2.75
CBC FLC C . 6.63 8.21 -3.64
CG FLC C . 8.67 6.71 -3.62
CGC FLC C . 8.07 6.05 -4.85
OA1 FLC C . 10.52 7.68 -1.37
OA2 FLC C . 9.09 8.17 0.22
OB1 FLC C . 7.01 9.00 -4.51
OB2 FLC C . 5.47 7.86 -3.43
OG1 FLC C . 8.83 5.69 -5.76
OG2 FLC C . 6.83 5.85 -4.86
OHB FLC C . 7.06 6.67 -1.83
C2 R3A D . 1.68 9.82 -9.38
C7 R3A D . 0.19 10.55 -12.05
C8 R3A D . 2.07 12.18 -12.45
C9 R3A D . 4.13 9.25 -9.80
C10 R3A D . 4.53 8.00 -10.55
C12 R3A D . 3.17 6.65 -9.18
C13 R3A D . 2.71 7.84 -8.38
C14 R3A D . 2.20 11.12 -6.48
C15 R3A D . 1.09 11.85 -6.85
C16 R3A D . -0.16 11.51 -6.42
C19 R3A D . 2.05 9.97 -5.74
C20 R3A D . -1.66 9.84 -5.25
C22 R3A D . -0.77 7.92 -4.30
CL27 R3A D . 1.82 7.23 -4.27
C23 R3A D . 0.51 8.30 -4.64
C18 R3A D . 0.77 9.51 -5.34
N21 R3A D . -1.83 8.68 -4.61
N28 R3A D . -2.78 10.67 -5.53
C29 R3A D . -4.06 10.45 -5.21
N31 R3A D . -4.98 11.32 -5.57
N30 R3A D . -4.37 9.39 -4.49
C17 R3A D . -0.37 10.32 -5.67
S24 R3A D . 1.17 12.96 -8.22
O25 R3A D . 2.52 13.43 -8.33
O26 R3A D . 0.10 13.91 -8.09
N5 R3A D . 0.85 12.11 -9.56
C4 R3A D . 1.79 11.15 -10.13
C6 R3A D . 1.61 10.96 -11.65
O3 R3A D . 0.62 9.50 -8.86
N1 R3A D . 2.79 9.06 -9.21
O11 R3A D . 4.50 6.85 -9.70
#